data_7N7N
#
_entry.id   7N7N
#
_cell.length_a   136.070
_cell.length_b   136.070
_cell.length_c   95.185
_cell.angle_alpha   90.000
_cell.angle_beta   90.000
_cell.angle_gamma   120.000
#
_symmetry.space_group_name_H-M   'P 61 2 2'
#
loop_
_entity.id
_entity.type
_entity.pdbx_description
1 polymer 'Phosphatidylinositol 5-phosphate 4-kinase type-2 alpha'
2 non-polymer N-{trans-4-[4-(cyclopropylmethyl)piperazin-1-yl]cyclohexyl}-4-{[(7R)-7-ethyl-5-methyl-8-(1-methylethyl)-6-oxo-5,6,7,8-tetrahydropteridin-2-yl]amino}-3-methoxybenzamide
3 non-polymer 'SULFATE ION'
4 water water
#
_entity_poly.entity_id   1
_entity_poly.type   'polypeptide(L)'
_entity_poly.pdbx_seq_one_letter_code
;GSHMASDPLLSVLMWGVNHSINELSHVQIPVMLMPDDFKAYSKIKVDNHLFNKENMPSHFKFKEYCPMVFRNLRERFGID
DQDFQNSLTRSAPLPNDSQARSGARFHTSYDKRYIIKTITSEDVAEMHNILKKYHQYIVECHGITLLPQFLGMYRLNVDG
VEIYVIVTRNVFSHRLSVYRKYDLKGSTVAREASDKEKAKELPTLKDNDFINEGQKIYIDDNNKKVFLEKLKKDVEFLAQ
LKLMDYSLLVGIHDVERAEQEEVECEENDGEEEGESDGTHPVGTPPDSPGNTLNSSPPLAPGEFDPNIDVYGIKCHENSP
RKEVYFMAIIDILTHYDAKKKAAHAAKTVKHGAGAEISTVNPEQYSKRFLDFIGHIL
;
_entity_poly.pdbx_strand_id   A
#
# COMPACT_ATOMS: atom_id res chain seq x y z
N SER A 6 2.27 -18.43 -17.70
CA SER A 6 2.47 -17.54 -16.51
C SER A 6 3.43 -16.37 -16.78
N ASP A 7 3.44 -15.42 -15.86
CA ASP A 7 4.25 -14.20 -15.93
C ASP A 7 5.63 -14.49 -15.30
N PRO A 8 6.70 -14.45 -16.11
CA PRO A 8 8.05 -14.76 -15.60
C PRO A 8 8.58 -13.75 -14.57
N LEU A 9 8.15 -12.48 -14.67
CA LEU A 9 8.46 -11.49 -13.65
C LEU A 9 7.76 -11.80 -12.34
N LEU A 10 6.52 -12.29 -12.43
CA LEU A 10 5.81 -12.74 -11.23
C LEU A 10 6.48 -13.92 -10.53
N SER A 11 6.98 -14.88 -11.30
CA SER A 11 7.63 -16.03 -10.69
C SER A 11 9.01 -15.70 -10.10
N VAL A 12 9.71 -14.73 -10.69
CA VAL A 12 10.93 -14.20 -10.07
C VAL A 12 10.60 -13.49 -8.75
N LEU A 13 9.53 -12.71 -8.75
CA LEU A 13 9.07 -12.04 -7.52
C LEU A 13 8.78 -13.05 -6.41
N MET A 14 8.01 -14.09 -6.74
CA MET A 14 7.67 -15.15 -5.80
C MET A 14 8.92 -15.90 -5.31
N TRP A 15 9.76 -16.29 -6.26
CA TRP A 15 11.05 -16.96 -5.95
C TRP A 15 11.86 -16.06 -5.00
N GLY A 16 11.97 -14.78 -5.37
CA GLY A 16 12.74 -13.81 -4.61
C GLY A 16 12.24 -13.54 -3.21
N VAL A 17 10.94 -13.38 -3.06
CA VAL A 17 10.34 -13.21 -1.73
C VAL A 17 10.56 -14.48 -0.90
N ASN A 18 10.37 -15.63 -1.53
CA ASN A 18 10.64 -16.91 -0.85
C ASN A 18 12.10 -16.95 -0.38
N HIS A 19 13.01 -16.62 -1.30
CA HIS A 19 14.44 -16.64 -0.99
C HIS A 19 14.75 -15.63 0.11
N SER A 20 14.25 -14.40 -0.06
CA SER A 20 14.39 -13.34 0.96
C SER A 20 13.99 -13.79 2.37
N ILE A 21 12.75 -14.24 2.53
CA ILE A 21 12.26 -14.62 3.85
C ILE A 21 13.03 -15.82 4.43
N ASN A 22 13.30 -16.84 3.60
CA ASN A 22 14.17 -17.96 4.02
C ASN A 22 15.51 -17.45 4.57
N GLU A 23 16.18 -16.57 3.84
CA GLU A 23 17.48 -16.02 4.31
C GLU A 23 17.37 -15.35 5.66
N LEU A 24 16.33 -14.53 5.83
CA LEU A 24 16.11 -13.82 7.09
C LEU A 24 15.77 -14.73 8.26
N SER A 25 15.20 -15.90 7.97
CA SER A 25 14.90 -16.86 9.05
C SER A 25 16.19 -17.29 9.77
N HIS A 26 17.33 -17.16 9.09
CA HIS A 26 18.63 -17.46 9.69
C HIS A 26 19.33 -16.25 10.30
N VAL A 27 18.76 -15.06 10.11
CA VAL A 27 19.37 -13.84 10.62
C VAL A 27 18.73 -13.45 11.95
N GLN A 28 19.56 -13.23 12.96
CA GLN A 28 19.13 -12.76 14.27
C GLN A 28 18.42 -11.41 14.17
N ILE A 29 17.24 -11.32 14.79
CA ILE A 29 16.45 -10.10 14.87
C ILE A 29 16.85 -9.26 16.09
N PRO A 30 17.52 -8.10 15.89
CA PRO A 30 17.74 -7.25 17.06
C PRO A 30 16.57 -6.27 17.25
N VAL A 31 16.48 -5.60 18.40
CA VAL A 31 15.39 -4.62 18.60
C VAL A 31 15.58 -3.37 17.77
N MET A 32 16.84 -3.03 17.49
CA MET A 32 17.16 -1.79 16.79
C MET A 32 17.88 -1.95 15.46
N LEU A 33 17.63 -0.96 14.61
CA LEU A 33 18.29 -0.82 13.33
C LEU A 33 19.52 0.07 13.46
N MET A 34 20.53 -0.21 12.64
CA MET A 34 21.74 0.61 12.59
C MET A 34 21.70 1.50 11.35
N PRO A 35 22.45 2.61 11.35
CA PRO A 35 22.39 3.51 10.17
C PRO A 35 22.66 2.75 8.84
N ASP A 36 23.56 1.78 8.88
CA ASP A 36 23.91 1.00 7.69
C ASP A 36 22.80 0.10 7.12
N ASP A 37 21.86 -0.31 7.99
CA ASP A 37 20.73 -1.13 7.57
C ASP A 37 19.88 -0.38 6.54
N PHE A 38 19.90 0.95 6.62
CA PHE A 38 19.20 1.83 5.67
C PHE A 38 19.96 2.03 4.36
N LYS A 39 21.13 1.40 4.24
CA LYS A 39 21.91 1.49 3.00
C LYS A 39 22.20 0.09 2.46
N ALA A 40 21.67 -0.91 3.16
CA ALA A 40 21.96 -2.30 2.85
C ALA A 40 21.16 -2.84 1.66
N TYR A 41 21.64 -3.92 1.08
CA TYR A 41 20.84 -4.71 0.15
C TYR A 41 21.37 -6.13 0.05
N SER A 42 20.59 -7.01 -0.56
CA SER A 42 21.07 -8.33 -0.96
C SER A 42 20.76 -8.51 -2.44
N LYS A 43 21.74 -9.07 -3.16
CA LYS A 43 21.65 -9.27 -4.60
C LYS A 43 21.92 -10.73 -4.87
N ILE A 44 21.05 -11.33 -5.70
CA ILE A 44 21.27 -12.70 -6.14
C ILE A 44 21.04 -12.80 -7.64
N LYS A 45 22.01 -13.39 -8.33
CA LYS A 45 21.96 -13.59 -9.76
C LYS A 45 21.95 -15.09 -10.03
N VAL A 46 20.96 -15.54 -10.78
CA VAL A 46 20.79 -16.96 -11.03
C VAL A 46 20.94 -17.23 -12.53
N ASP A 47 21.79 -18.20 -12.84
CA ASP A 47 21.97 -18.66 -14.22
C ASP A 47 21.81 -20.18 -14.27
N ASN A 48 20.71 -20.62 -14.86
CA ASN A 48 20.45 -22.03 -15.11
C ASN A 48 20.69 -22.37 -16.59
N HIS A 49 21.57 -23.34 -16.80
CA HIS A 49 21.88 -23.81 -18.14
C HIS A 49 21.30 -25.20 -18.30
N LEU A 50 20.35 -25.34 -19.21
CA LEU A 50 19.69 -26.62 -19.51
C LEU A 50 19.13 -27.27 -18.24
N PHE A 51 18.51 -26.45 -17.39
CA PHE A 51 18.02 -26.91 -16.09
C PHE A 51 16.86 -26.05 -15.60
N ASN A 52 15.80 -26.72 -15.14
CA ASN A 52 14.72 -26.07 -14.39
C ASN A 52 13.94 -25.03 -15.22
N LYS A 53 13.73 -25.35 -16.50
CA LYS A 53 13.02 -24.46 -17.43
C LYS A 53 11.52 -24.36 -17.15
N GLU A 54 10.97 -25.42 -16.58
CA GLU A 54 9.54 -25.50 -16.30
C GLU A 54 9.07 -24.42 -15.31
N ASN A 55 9.89 -24.11 -14.30
CA ASN A 55 9.50 -23.17 -13.25
C ASN A 55 10.06 -21.75 -13.42
N MET A 56 11.35 -21.66 -13.72
CA MET A 56 12.04 -20.37 -13.73
C MET A 56 12.57 -19.99 -15.10
N PRO A 57 12.60 -18.68 -15.42
CA PRO A 57 13.45 -18.24 -16.52
C PRO A 57 14.88 -18.69 -16.24
N SER A 58 15.69 -18.83 -17.29
CA SER A 58 17.04 -19.36 -17.16
C SER A 58 18.04 -18.35 -16.58
N HIS A 59 17.80 -17.08 -16.84
CA HIS A 59 18.65 -15.99 -16.38
C HIS A 59 17.79 -14.92 -15.73
N PHE A 60 18.02 -14.69 -14.45
CA PHE A 60 17.32 -13.64 -13.73
C PHE A 60 18.15 -13.14 -12.55
N LYS A 61 17.80 -11.94 -12.10
CA LYS A 61 18.39 -11.32 -10.92
C LYS A 61 17.27 -10.88 -9.98
N PHE A 62 17.55 -10.91 -8.68
CA PHE A 62 16.63 -10.40 -7.68
C PHE A 62 17.41 -9.61 -6.64
N LYS A 63 16.97 -8.39 -6.38
CA LYS A 63 17.63 -7.50 -5.43
C LYS A 63 16.60 -6.98 -4.44
N GLU A 64 16.90 -7.14 -3.14
CA GLU A 64 16.05 -6.60 -2.08
C GLU A 64 16.74 -5.43 -1.41
N TYR A 65 16.04 -4.31 -1.31
CA TYR A 65 16.58 -3.12 -0.67
C TYR A 65 16.33 -3.17 0.84
N CYS A 66 17.35 -2.81 1.63
CA CYS A 66 17.24 -2.69 3.09
C CYS A 66 16.42 -3.81 3.77
N PRO A 67 16.84 -5.08 3.60
CA PRO A 67 16.01 -6.20 4.08
C PRO A 67 15.71 -6.15 5.58
N MET A 68 16.67 -5.71 6.40
CA MET A 68 16.50 -5.58 7.84
C MET A 68 15.47 -4.54 8.25
N VAL A 69 15.42 -3.40 7.53
CA VAL A 69 14.48 -2.33 7.82
C VAL A 69 13.06 -2.83 7.55
N PHE A 70 12.89 -3.47 6.39
CA PHE A 70 11.58 -3.91 5.98
C PHE A 70 11.07 -5.07 6.84
N ARG A 71 11.99 -5.91 7.34
CA ARG A 71 11.60 -6.93 8.30
C ARG A 71 11.11 -6.29 9.61
N ASN A 72 11.89 -5.35 10.12
CA ASN A 72 11.48 -4.54 11.26
C ASN A 72 10.11 -3.85 11.05
N LEU A 73 9.85 -3.32 9.87
CA LEU A 73 8.54 -2.72 9.53
C LEU A 73 7.41 -3.77 9.58
N ARG A 74 7.64 -4.94 8.97
CA ARG A 74 6.64 -6.00 8.99
C ARG A 74 6.22 -6.34 10.40
N GLU A 75 7.22 -6.54 11.26
CA GLU A 75 6.99 -6.87 12.66
C GLU A 75 6.17 -5.77 13.33
N ARG A 76 6.58 -4.51 13.13
CA ARG A 76 5.87 -3.35 13.69
C ARG A 76 4.44 -3.22 13.19
N PHE A 77 4.16 -3.77 12.00
CA PHE A 77 2.82 -3.72 11.45
C PHE A 77 2.02 -5.00 11.78
N GLY A 78 2.56 -5.80 12.69
CA GLY A 78 1.89 -7.02 13.18
C GLY A 78 1.91 -8.15 12.18
N ILE A 79 2.92 -8.16 11.30
CA ILE A 79 2.99 -9.13 10.23
C ILE A 79 4.15 -10.09 10.48
N ASP A 80 3.82 -11.38 10.47
CA ASP A 80 4.78 -12.45 10.65
C ASP A 80 5.39 -12.80 9.31
N ASP A 81 6.70 -13.02 9.28
CA ASP A 81 7.44 -13.26 8.03
C ASP A 81 7.00 -14.53 7.29
N GLN A 82 6.71 -15.59 8.04
CA GLN A 82 6.20 -16.84 7.46
C GLN A 82 4.86 -16.62 6.76
N ASP A 83 3.96 -15.89 7.43
CA ASP A 83 2.66 -15.54 6.83
C ASP A 83 2.81 -14.68 5.57
N PHE A 84 3.73 -13.71 5.62
CA PHE A 84 3.98 -12.78 4.51
C PHE A 84 4.45 -13.62 3.33
N GLN A 85 5.41 -14.49 3.62
CA GLN A 85 5.96 -15.40 2.61
C GLN A 85 4.86 -16.23 1.95
N ASN A 86 4.06 -16.91 2.77
CA ASN A 86 2.94 -17.73 2.28
C ASN A 86 1.99 -16.92 1.41
N SER A 87 1.58 -15.75 1.89
CA SER A 87 0.66 -14.89 1.12
C SER A 87 1.18 -14.58 -0.26
N LEU A 88 2.50 -14.41 -0.37
CA LEU A 88 3.09 -14.02 -1.65
C LEU A 88 3.53 -15.19 -2.53
N THR A 89 3.64 -16.39 -1.95
CA THR A 89 4.23 -17.53 -2.68
C THR A 89 3.36 -18.81 -2.87
N ARG A 90 2.43 -19.09 -1.97
CA ARG A 90 1.61 -20.31 -2.06
C ARG A 90 0.76 -20.39 -3.33
N SER A 91 0.36 -19.23 -3.85
CA SER A 91 -0.26 -19.14 -5.17
C SER A 91 0.05 -17.76 -5.77
N ALA A 92 0.02 -17.68 -7.10
CA ALA A 92 0.42 -16.45 -7.79
C ALA A 92 -0.46 -15.26 -7.42
N PRO A 93 0.15 -14.08 -7.33
CA PRO A 93 -0.61 -12.84 -7.23
C PRO A 93 -1.43 -12.57 -8.49
N LEU A 94 -2.63 -12.01 -8.32
CA LEU A 94 -3.54 -11.74 -9.43
C LEU A 94 -3.42 -10.30 -9.94
N PRO A 95 -3.39 -10.12 -11.28
CA PRO A 95 -3.33 -8.80 -11.94
C PRO A 95 -4.61 -7.99 -11.74
N ASN A 96 -4.62 -6.76 -12.24
CA ASN A 96 -5.80 -5.88 -12.17
C ASN A 96 -6.20 -5.28 -13.53
N ASP A 97 -5.20 -5.03 -14.39
CA ASP A 97 -5.44 -4.50 -15.74
C ASP A 97 -5.04 -5.51 -16.80
N ALA A 104 0.18 3.20 -14.37
CA ALA A 104 0.59 2.32 -13.27
C ALA A 104 -0.33 1.11 -13.16
N ARG A 105 0.27 -0.07 -12.95
CA ARG A 105 -0.49 -1.33 -12.77
C ARG A 105 -0.07 -2.05 -11.49
N PHE A 106 -0.97 -2.87 -10.96
CA PHE A 106 -0.68 -3.58 -9.72
C PHE A 106 -1.27 -4.99 -9.60
N HIS A 107 -0.69 -5.75 -8.67
CA HIS A 107 -1.15 -7.07 -8.33
C HIS A 107 -1.59 -7.10 -6.88
N THR A 108 -2.37 -8.11 -6.53
CA THR A 108 -2.72 -8.35 -5.15
C THR A 108 -2.44 -9.81 -4.80
N SER A 109 -1.95 -10.07 -3.59
CA SER A 109 -1.63 -11.43 -3.19
C SER A 109 -2.89 -12.29 -3.28
N TYR A 110 -2.72 -13.60 -3.47
CA TYR A 110 -3.88 -14.48 -3.72
C TYR A 110 -4.93 -14.37 -2.60
N ASP A 111 -4.46 -14.19 -1.37
CA ASP A 111 -5.34 -14.05 -0.20
C ASP A 111 -5.84 -12.61 0.04
N LYS A 112 -5.56 -11.73 -0.92
CA LYS A 112 -6.00 -10.31 -0.88
C LYS A 112 -5.43 -9.45 0.28
N ARG A 113 -4.43 -9.97 0.98
CA ARG A 113 -3.82 -9.24 2.09
C ARG A 113 -2.85 -8.14 1.65
N TYR A 114 -2.13 -8.36 0.56
CA TYR A 114 -1.07 -7.42 0.17
C TYR A 114 -1.18 -6.94 -1.28
N ILE A 115 -0.68 -5.74 -1.51
CA ILE A 115 -0.66 -5.15 -2.83
C ILE A 115 0.79 -5.12 -3.30
N ILE A 116 0.98 -5.43 -4.57
CA ILE A 116 2.29 -5.37 -5.20
C ILE A 116 2.21 -4.40 -6.37
N LYS A 117 2.96 -3.31 -6.26
CA LYS A 117 2.93 -2.27 -7.29
C LYS A 117 4.29 -2.11 -7.94
N THR A 118 4.27 -2.00 -9.27
CA THR A 118 5.45 -1.70 -10.06
C THR A 118 5.73 -0.20 -9.95
N ILE A 119 6.96 0.14 -9.62
CA ILE A 119 7.33 1.54 -9.45
C ILE A 119 8.57 1.84 -10.30
N THR A 120 8.90 3.12 -10.39
CA THR A 120 10.06 3.55 -11.18
C THR A 120 11.33 3.57 -10.32
N SER A 121 12.49 3.63 -10.98
CA SER A 121 13.75 3.77 -10.27
C SER A 121 13.80 5.09 -9.49
N GLU A 122 13.10 6.10 -10.01
CA GLU A 122 12.88 7.36 -9.31
C GLU A 122 12.10 7.21 -8.00
N ASP A 123 11.04 6.41 -8.02
CA ASP A 123 10.29 6.11 -6.82
C ASP A 123 11.17 5.39 -5.80
N VAL A 124 11.99 4.46 -6.28
CA VAL A 124 12.90 3.71 -5.44
C VAL A 124 13.90 4.67 -4.78
N ALA A 125 14.44 5.61 -5.56
CA ALA A 125 15.36 6.63 -5.02
C ALA A 125 14.69 7.46 -3.93
N GLU A 126 13.44 7.84 -4.17
CA GLU A 126 12.64 8.61 -3.21
C GLU A 126 12.34 7.83 -1.93
N MET A 127 11.95 6.57 -2.07
CA MET A 127 11.72 5.69 -0.92
C MET A 127 12.96 5.56 -0.05
N HIS A 128 14.12 5.39 -0.68
CA HIS A 128 15.39 5.38 0.04
C HIS A 128 15.63 6.67 0.76
N ASN A 129 15.21 7.76 0.13
CA ASN A 129 15.45 9.07 0.69
C ASN A 129 14.65 9.26 1.96
N ILE A 130 13.44 8.71 2.00
CA ILE A 130 12.55 8.95 3.14
C ILE A 130 12.53 7.79 4.15
N LEU A 131 13.24 6.70 3.84
CA LEU A 131 13.02 5.44 4.56
C LEU A 131 13.29 5.56 6.05
N LYS A 132 14.38 6.23 6.41
CA LYS A 132 14.72 6.35 7.82
C LYS A 132 13.68 7.18 8.57
N LYS A 133 13.33 8.34 8.02
CA LYS A 133 12.31 9.19 8.63
C LYS A 133 10.96 8.49 8.72
N TYR A 134 10.62 7.73 7.66
CA TYR A 134 9.43 6.89 7.63
C TYR A 134 9.49 5.88 8.77
N HIS A 135 10.62 5.18 8.87
CA HIS A 135 10.78 4.21 9.95
C HIS A 135 10.56 4.83 11.34
N GLN A 136 11.17 5.99 11.58
CA GLN A 136 11.13 6.65 12.88
C GLN A 136 9.71 7.11 13.21
N TYR A 137 9.01 7.57 12.18
CA TYR A 137 7.60 7.96 12.32
C TYR A 137 6.75 6.78 12.76
N ILE A 138 6.97 5.61 12.16
CA ILE A 138 6.23 4.39 12.50
C ILE A 138 6.55 3.94 13.93
N VAL A 139 7.80 4.12 14.34
CA VAL A 139 8.20 3.84 15.74
C VAL A 139 7.38 4.71 16.68
N GLU A 140 7.39 6.01 16.41
CA GLU A 140 6.71 6.99 17.22
C GLU A 140 5.22 6.77 17.36
N CYS A 141 4.54 6.38 16.27
CA CYS A 141 3.09 6.18 16.34
C CYS A 141 2.71 4.74 16.66
N HIS A 142 3.72 3.92 16.98
CA HIS A 142 3.52 2.49 17.28
C HIS A 142 2.79 1.75 16.17
N GLY A 143 3.03 2.14 14.92
CA GLY A 143 2.44 1.44 13.78
C GLY A 143 1.00 1.80 13.49
N ILE A 144 0.43 2.69 14.29
CA ILE A 144 -0.93 3.17 14.07
C ILE A 144 -0.91 4.42 13.19
N THR A 145 -1.26 4.25 11.92
CA THR A 145 -1.14 5.30 10.90
C THR A 145 -2.03 5.00 9.71
N LEU A 146 -2.41 6.05 8.99
CA LEU A 146 -3.16 5.91 7.76
C LEU A 146 -2.22 5.95 6.54
N LEU A 147 -0.92 6.11 6.79
CA LEU A 147 0.07 6.01 5.72
C LEU A 147 0.11 4.61 5.10
N PRO A 148 0.57 4.53 3.83
CA PRO A 148 0.89 3.21 3.28
C PRO A 148 1.81 2.45 4.23
N GLN A 149 1.60 1.15 4.36
CA GLN A 149 2.46 0.32 5.17
C GLN A 149 3.42 -0.40 4.24
N PHE A 150 4.66 0.08 4.18
CA PHE A 150 5.63 -0.45 3.22
C PHE A 150 6.30 -1.69 3.79
N LEU A 151 6.21 -2.81 3.07
CA LEU A 151 6.56 -4.12 3.62
C LEU A 151 7.76 -4.77 2.96
N GLY A 152 8.08 -4.34 1.74
CA GLY A 152 9.18 -4.90 0.99
C GLY A 152 9.42 -4.07 -0.24
N MET A 153 10.67 -4.00 -0.69
CA MET A 153 10.97 -3.30 -1.94
C MET A 153 12.04 -4.08 -2.71
N TYR A 154 11.78 -4.33 -3.98
CA TYR A 154 12.62 -5.25 -4.79
C TYR A 154 12.91 -4.77 -6.19
N ARG A 155 14.01 -5.25 -6.74
CA ARG A 155 14.30 -5.10 -8.15
C ARG A 155 14.37 -6.46 -8.86
N LEU A 156 13.60 -6.61 -9.94
CA LEU A 156 13.61 -7.86 -10.70
C LEU A 156 14.21 -7.67 -12.09
N ASN A 157 15.07 -8.61 -12.48
CA ASN A 157 15.60 -8.65 -13.85
C ASN A 157 15.32 -10.02 -14.48
N VAL A 158 14.65 -10.01 -15.64
CA VAL A 158 14.48 -11.23 -16.41
C VAL A 158 14.98 -10.98 -17.83
N ASP A 159 16.13 -11.56 -18.14
CA ASP A 159 16.81 -11.42 -19.45
C ASP A 159 16.37 -10.21 -20.29
N GLY A 160 16.87 -9.04 -19.94
CA GLY A 160 16.58 -7.81 -20.70
C GLY A 160 15.74 -6.79 -19.95
N VAL A 161 14.61 -7.24 -19.40
CA VAL A 161 13.69 -6.33 -18.71
C VAL A 161 14.01 -6.17 -17.22
N GLU A 162 13.92 -4.93 -16.75
CA GLU A 162 14.19 -4.60 -15.36
C GLU A 162 13.01 -3.86 -14.75
N ILE A 163 12.46 -4.41 -13.66
CA ILE A 163 11.37 -3.70 -12.96
C ILE A 163 11.58 -3.58 -11.45
N TYR A 164 10.94 -2.56 -10.86
CA TYR A 164 10.98 -2.33 -9.43
C TYR A 164 9.61 -2.49 -8.84
N VAL A 165 9.54 -3.13 -7.68
CA VAL A 165 8.24 -3.30 -7.03
C VAL A 165 8.30 -2.94 -5.55
N ILE A 166 7.18 -2.45 -5.04
CA ILE A 166 6.99 -2.21 -3.64
C ILE A 166 5.75 -2.97 -3.19
N VAL A 167 5.80 -3.49 -1.96
CA VAL A 167 4.70 -4.24 -1.38
C VAL A 167 4.12 -3.46 -0.19
N THR A 168 2.80 -3.31 -0.17
CA THR A 168 2.10 -2.62 0.91
C THR A 168 0.95 -3.49 1.42
N ARG A 169 0.51 -3.25 2.65
CA ARG A 169 -0.75 -3.82 3.13
C ARG A 169 -1.93 -3.28 2.30
N ASN A 170 -2.88 -4.16 1.97
CA ASN A 170 -4.11 -3.75 1.29
C ASN A 170 -4.86 -2.76 2.19
N VAL A 171 -5.33 -1.67 1.61
CA VAL A 171 -6.23 -0.74 2.31
C VAL A 171 -7.60 -1.40 2.54
N PHE A 172 -8.07 -2.15 1.55
CA PHE A 172 -9.35 -2.84 1.66
C PHE A 172 -9.24 -4.12 2.46
N SER A 173 -10.39 -4.70 2.80
CA SER A 173 -10.47 -5.92 3.60
C SER A 173 -10.00 -7.14 2.82
N HIS A 174 -9.49 -8.15 3.52
CA HIS A 174 -9.11 -9.41 2.90
C HIS A 174 -10.28 -10.41 2.74
N ARG A 175 -11.42 -10.13 3.39
CA ARG A 175 -12.63 -10.93 3.19
C ARG A 175 -13.74 -10.09 2.56
N LEU A 176 -14.11 -9.02 3.27
CA LEU A 176 -15.27 -8.19 2.93
C LEU A 176 -15.08 -7.44 1.64
N SER A 177 -16.04 -7.63 0.73
CA SER A 177 -16.02 -7.00 -0.59
C SER A 177 -16.39 -5.53 -0.52
N VAL A 178 -15.90 -4.76 -1.48
CA VAL A 178 -16.15 -3.34 -1.54
C VAL A 178 -16.99 -3.04 -2.80
N TYR A 179 -18.09 -2.32 -2.62
CA TYR A 179 -19.00 -2.04 -3.74
C TYR A 179 -18.82 -0.64 -4.33
N ARG A 180 -18.17 0.24 -3.57
CA ARG A 180 -17.91 1.60 -4.03
C ARG A 180 -16.56 2.09 -3.51
N LYS A 181 -15.84 2.82 -4.34
CA LYS A 181 -14.48 3.25 -4.03
C LYS A 181 -14.25 4.68 -4.48
N TYR A 182 -13.66 5.48 -3.60
CA TYR A 182 -13.34 6.87 -3.89
C TYR A 182 -11.86 7.14 -3.75
N ASP A 183 -11.36 8.05 -4.57
CA ASP A 183 -9.99 8.51 -4.54
C ASP A 183 -10.12 9.99 -4.37
N LEU A 184 -9.75 10.50 -3.20
CA LEU A 184 -10.01 11.89 -2.87
C LEU A 184 -8.72 12.65 -2.60
N LYS A 185 -8.59 13.83 -3.21
CA LYS A 185 -7.41 14.68 -3.03
C LYS A 185 -7.79 16.02 -2.44
N GLY A 186 -9.03 16.43 -2.70
CA GLY A 186 -9.54 17.73 -2.27
C GLY A 186 -8.96 18.91 -3.00
N SER A 187 -8.61 18.71 -4.28
CA SER A 187 -7.94 19.77 -5.06
C SER A 187 -8.88 20.85 -5.58
N THR A 188 -8.32 22.05 -5.80
CA THR A 188 -9.04 23.19 -6.38
C THR A 188 -9.47 22.85 -7.81
N VAL A 189 -8.55 22.29 -8.59
CA VAL A 189 -8.84 21.82 -9.94
C VAL A 189 -9.85 20.67 -9.88
N ALA A 190 -10.88 20.77 -10.73
CA ALA A 190 -11.98 19.80 -10.75
C ALA A 190 -11.50 18.37 -11.03
N ARG A 191 -12.01 17.43 -10.24
CA ARG A 191 -11.71 16.01 -10.40
C ARG A 191 -12.99 15.22 -10.61
N GLU A 192 -12.99 14.36 -11.63
CA GLU A 192 -14.16 13.54 -11.96
C GLU A 192 -13.75 12.23 -12.63
N ALA A 193 -14.52 11.18 -12.39
CA ALA A 193 -14.29 9.87 -13.01
C ALA A 193 -14.76 9.84 -14.47
N SER A 194 -14.27 8.86 -15.22
CA SER A 194 -14.66 8.69 -16.62
C SER A 194 -15.63 7.52 -16.80
N ASP A 195 -16.29 7.51 -17.94
CA ASP A 195 -17.38 6.57 -18.22
C ASP A 195 -16.84 5.18 -18.55
N LYS A 196 -15.63 5.13 -19.11
CA LYS A 196 -14.93 3.88 -19.38
C LYS A 196 -14.61 3.12 -18.09
N GLU A 197 -14.25 3.88 -17.04
CA GLU A 197 -14.02 3.32 -15.70
C GLU A 197 -15.34 2.86 -15.05
N LYS A 198 -16.38 3.68 -15.17
CA LYS A 198 -17.74 3.34 -14.70
C LYS A 198 -18.19 1.93 -15.09
N ALA A 199 -17.82 1.51 -16.30
CA ALA A 199 -18.25 0.23 -16.86
C ALA A 199 -17.60 -1.01 -16.23
N LYS A 200 -16.74 -0.82 -15.24
CA LYS A 200 -16.11 -1.93 -14.52
C LYS A 200 -16.94 -2.36 -13.30
N GLU A 201 -16.73 -3.60 -12.85
CA GLU A 201 -17.45 -4.17 -11.71
C GLU A 201 -17.33 -3.31 -10.44
N LEU A 202 -16.14 -2.72 -10.24
CA LEU A 202 -15.91 -1.75 -9.18
C LEU A 202 -15.05 -0.59 -9.71
N PRO A 203 -15.71 0.51 -10.14
CA PRO A 203 -15.00 1.70 -10.64
C PRO A 203 -14.25 2.48 -9.54
N THR A 204 -13.52 3.52 -9.96
CA THR A 204 -12.79 4.41 -9.05
C THR A 204 -13.32 5.85 -9.18
N LEU A 205 -14.23 6.20 -8.28
CA LEU A 205 -14.85 7.55 -8.28
C LEU A 205 -13.92 8.58 -7.63
N LYS A 206 -14.22 9.86 -7.78
CA LYS A 206 -13.32 10.93 -7.32
C LYS A 206 -14.04 12.05 -6.56
N ASP A 207 -13.37 13.18 -6.36
CA ASP A 207 -13.88 14.27 -5.50
C ASP A 207 -15.31 14.70 -5.78
N ASN A 208 -15.61 14.99 -7.04
CA ASN A 208 -16.89 15.58 -7.39
C ASN A 208 -18.02 14.54 -7.45
N ASP A 209 -17.67 13.29 -7.77
CA ASP A 209 -18.59 12.16 -7.60
C ASP A 209 -19.13 12.09 -6.17
N PHE A 210 -18.25 12.32 -5.20
CA PHE A 210 -18.58 12.33 -3.78
C PHE A 210 -19.43 13.56 -3.46
N ILE A 211 -18.91 14.73 -3.84
CA ILE A 211 -19.55 16.02 -3.60
C ILE A 211 -20.64 16.31 -4.64
N ASN A 212 -21.21 15.27 -5.23
CA ASN A 212 -22.34 15.38 -6.17
C ASN A 212 -23.41 14.32 -5.90
N GLU A 213 -22.99 13.09 -5.65
CA GLU A 213 -23.92 12.00 -5.33
C GLU A 213 -24.31 12.02 -3.84
N GLY A 214 -23.93 13.10 -3.15
CA GLY A 214 -24.24 13.30 -1.73
C GLY A 214 -23.82 12.16 -0.82
N GLN A 215 -22.58 11.70 -1.00
CA GLN A 215 -22.07 10.55 -0.24
C GLN A 215 -21.86 10.96 1.21
N LYS A 216 -22.34 10.13 2.10
CA LYS A 216 -22.13 10.35 3.53
C LYS A 216 -21.39 9.16 4.10
N ILE A 217 -20.53 9.42 5.06
CA ILE A 217 -19.85 8.37 5.79
C ILE A 217 -20.41 8.39 7.21
N TYR A 218 -21.09 7.33 7.60
CA TYR A 218 -21.80 7.29 8.89
C TYR A 218 -20.98 6.66 10.03
N ILE A 219 -20.08 7.44 10.62
CA ILE A 219 -19.31 6.97 11.76
C ILE A 219 -19.54 7.85 12.96
N ASP A 220 -19.39 7.29 14.16
CA ASP A 220 -19.64 8.06 15.39
C ASP A 220 -18.57 9.13 15.61
N ASP A 221 -18.90 10.13 16.42
CA ASP A 221 -18.03 11.28 16.69
C ASP A 221 -16.67 10.89 17.26
N ASN A 222 -16.64 9.80 18.03
CA ASN A 222 -15.36 9.28 18.52
C ASN A 222 -14.48 8.75 17.38
N ASN A 223 -15.02 7.83 16.59
CA ASN A 223 -14.29 7.31 15.43
C ASN A 223 -13.80 8.43 14.51
N LYS A 224 -14.64 9.43 14.27
CA LYS A 224 -14.26 10.56 13.41
C LYS A 224 -13.08 11.34 13.98
N LYS A 225 -13.12 11.64 15.28
CA LYS A 225 -12.08 12.41 15.95
C LYS A 225 -10.73 11.70 15.91
N VAL A 226 -10.76 10.41 16.22
CA VAL A 226 -9.59 9.54 16.15
C VAL A 226 -9.01 9.54 14.72
N PHE A 227 -9.86 9.28 13.73
CA PHE A 227 -9.46 9.28 12.32
C PHE A 227 -8.77 10.58 11.90
N LEU A 228 -9.39 11.72 12.23
CA LEU A 228 -8.90 13.01 11.78
C LEU A 228 -7.63 13.43 12.51
N GLU A 229 -7.50 13.00 13.76
CA GLU A 229 -6.28 13.22 14.53
C GLU A 229 -5.13 12.49 13.81
N LYS A 230 -5.33 11.19 13.58
CA LYS A 230 -4.40 10.36 12.82
C LYS A 230 -4.03 10.99 11.47
N LEU A 231 -5.05 11.35 10.69
CA LEU A 231 -4.87 11.99 9.39
C LEU A 231 -4.01 13.26 9.49
N LYS A 232 -4.30 14.08 10.50
CA LYS A 232 -3.56 15.32 10.71
C LYS A 232 -2.05 15.05 10.80
N LYS A 233 -1.67 14.16 11.71
CA LYS A 233 -0.27 13.83 11.93
C LYS A 233 0.38 13.23 10.67
N ASP A 234 -0.29 12.27 10.05
CA ASP A 234 0.21 11.60 8.85
C ASP A 234 0.50 12.62 7.76
N VAL A 235 -0.51 13.44 7.47
CA VAL A 235 -0.39 14.45 6.43
C VAL A 235 0.72 15.48 6.72
N GLU A 236 0.83 15.92 7.97
CA GLU A 236 1.89 16.86 8.34
C GLU A 236 3.29 16.25 8.18
N PHE A 237 3.43 14.96 8.49
CA PHE A 237 4.67 14.23 8.22
C PHE A 237 4.97 14.23 6.72
N LEU A 238 3.95 13.92 5.91
CA LEU A 238 4.11 13.95 4.46
C LEU A 238 4.52 15.34 3.95
N ALA A 239 3.88 16.37 4.50
CA ALA A 239 4.22 17.76 4.21
C ALA A 239 5.69 18.06 4.49
N GLN A 240 6.16 17.72 5.69
CA GLN A 240 7.57 17.98 6.03
C GLN A 240 8.60 17.21 5.19
N LEU A 241 8.16 16.15 4.49
CA LEU A 241 9.03 15.44 3.55
C LEU A 241 8.95 16.02 2.14
N LYS A 242 8.13 17.05 1.98
CA LYS A 242 7.90 17.72 0.69
C LYS A 242 7.17 16.79 -0.29
N LEU A 243 6.29 15.95 0.25
CA LEU A 243 5.52 15.03 -0.57
C LEU A 243 4.12 15.57 -0.80
N MET A 244 3.61 15.39 -2.01
CA MET A 244 2.25 15.82 -2.34
C MET A 244 1.62 14.90 -3.38
N ASP A 245 0.36 15.20 -3.75
CA ASP A 245 -0.40 14.44 -4.76
C ASP A 245 -0.81 13.03 -4.34
N TYR A 246 -0.87 12.80 -3.03
CA TYR A 246 -1.40 11.58 -2.45
C TYR A 246 -2.92 11.69 -2.34
N SER A 247 -3.59 10.57 -2.13
CA SER A 247 -5.03 10.54 -2.03
C SER A 247 -5.50 9.85 -0.77
N LEU A 248 -6.74 10.13 -0.37
CA LEU A 248 -7.44 9.27 0.57
C LEU A 248 -8.20 8.26 -0.24
N LEU A 249 -7.89 6.99 -0.04
CA LEU A 249 -8.66 5.93 -0.63
C LEU A 249 -9.81 5.57 0.29
N VAL A 250 -11.03 5.52 -0.24
CA VAL A 250 -12.22 5.19 0.56
C VAL A 250 -12.99 4.06 -0.08
N GLY A 251 -13.17 2.98 0.65
CA GLY A 251 -13.95 1.85 0.19
C GLY A 251 -15.10 1.52 1.13
N ILE A 252 -16.28 1.31 0.56
CA ILE A 252 -17.47 1.01 1.33
C ILE A 252 -17.91 -0.43 1.10
N HIS A 253 -18.02 -1.18 2.19
CA HIS A 253 -18.54 -2.53 2.17
C HIS A 253 -20.01 -2.54 2.59
N ASP A 254 -20.88 -3.09 1.75
CA ASP A 254 -22.31 -3.17 2.09
C ASP A 254 -22.66 -4.55 2.64
N VAL A 255 -22.91 -4.62 3.94
CA VAL A 255 -23.17 -5.90 4.63
C VAL A 255 -24.43 -6.56 4.08
N GLU A 256 -25.44 -5.75 3.76
CA GLU A 256 -26.71 -6.21 3.22
C GLU A 256 -26.59 -6.94 1.87
N ARG A 257 -25.55 -6.61 1.12
CA ARG A 257 -25.30 -7.26 -0.18
C ARG A 257 -24.44 -8.51 -0.05
N ALA A 258 -23.33 -8.42 0.66
CA ALA A 258 -22.42 -9.56 0.85
C ALA A 258 -22.78 -10.36 2.09
N GLY A 302 -21.29 -9.21 8.65
CA GLY A 302 -20.28 -8.32 8.09
C GLY A 302 -19.38 -7.70 9.14
N GLU A 303 -18.75 -8.57 9.96
CA GLU A 303 -17.78 -8.14 10.96
C GLU A 303 -16.35 -8.44 10.48
N PHE A 304 -15.44 -7.51 10.74
CA PHE A 304 -14.05 -7.63 10.29
C PHE A 304 -13.10 -7.78 11.47
N ASP A 305 -11.91 -8.32 11.20
CA ASP A 305 -10.85 -8.38 12.19
C ASP A 305 -10.00 -7.11 12.09
N PRO A 306 -10.05 -6.26 13.14
CA PRO A 306 -9.26 -5.01 13.15
C PRO A 306 -7.75 -5.27 13.19
N ASN A 307 -7.36 -6.50 13.52
CA ASN A 307 -5.96 -6.91 13.51
C ASN A 307 -5.45 -7.22 12.10
N ILE A 308 -6.37 -7.51 11.17
CA ILE A 308 -6.01 -7.74 9.77
C ILE A 308 -6.46 -6.59 8.86
N ASP A 309 -7.75 -6.26 8.92
CA ASP A 309 -8.31 -5.14 8.16
C ASP A 309 -8.18 -3.87 9.00
N VAL A 310 -6.96 -3.35 9.05
CA VAL A 310 -6.55 -2.35 10.02
C VAL A 310 -7.06 -0.94 9.71
N TYR A 311 -7.73 -0.80 8.58
CA TYR A 311 -8.19 0.51 8.13
C TYR A 311 -9.71 0.58 8.20
N GLY A 312 -10.31 -0.50 8.66
CA GLY A 312 -11.76 -0.59 8.80
C GLY A 312 -12.31 0.25 9.94
N ILE A 313 -13.48 0.85 9.70
CA ILE A 313 -14.26 1.53 10.73
C ILE A 313 -15.74 1.16 10.50
N LYS A 314 -16.36 0.56 11.52
CA LYS A 314 -17.81 0.28 11.51
C LYS A 314 -18.63 1.56 11.41
N CYS A 315 -19.80 1.48 10.77
CA CYS A 315 -20.75 2.60 10.78
C CYS A 315 -21.41 2.69 12.16
N HIS A 316 -21.87 3.89 12.54
CA HIS A 316 -22.60 4.05 13.80
C HIS A 316 -23.99 3.39 13.74
N GLU A 317 -24.66 3.28 14.90
CA GLU A 317 -25.90 2.51 15.03
C GLU A 317 -27.11 3.04 14.23
N ASN A 318 -27.08 4.32 13.88
CA ASN A 318 -28.19 4.92 13.15
C ASN A 318 -27.96 5.05 11.64
N SER A 319 -26.94 4.36 11.15
CA SER A 319 -26.64 4.36 9.72
C SER A 319 -27.77 3.73 8.90
N PRO A 320 -28.21 4.43 7.84
CA PRO A 320 -29.27 3.97 6.94
C PRO A 320 -29.05 2.55 6.44
N ARG A 321 -27.80 2.23 6.10
CA ARG A 321 -27.44 0.87 5.72
C ARG A 321 -26.27 0.36 6.54
N LYS A 322 -26.17 -0.97 6.68
CA LYS A 322 -25.05 -1.58 7.38
C LYS A 322 -23.80 -1.49 6.50
N GLU A 323 -22.90 -0.57 6.87
CA GLU A 323 -21.70 -0.26 6.08
C GLU A 323 -20.43 -0.41 6.90
N VAL A 324 -19.34 -0.76 6.22
CA VAL A 324 -17.99 -0.71 6.81
C VAL A 324 -17.09 0.09 5.88
N TYR A 325 -16.35 1.03 6.45
CA TYR A 325 -15.50 1.91 5.67
C TYR A 325 -14.03 1.50 5.76
N PHE A 326 -13.31 1.64 4.66
CA PHE A 326 -11.87 1.39 4.64
C PHE A 326 -11.20 2.60 4.08
N MET A 327 -10.43 3.27 4.94
CA MET A 327 -9.86 4.56 4.59
C MET A 327 -8.39 4.67 4.98
N ALA A 328 -7.57 5.06 4.01
CA ALA A 328 -6.13 5.18 4.20
C ALA A 328 -5.55 6.12 3.15
N ILE A 329 -4.34 6.61 3.40
CA ILE A 329 -3.61 7.41 2.44
C ILE A 329 -2.86 6.49 1.47
N ILE A 330 -2.83 6.88 0.20
CA ILE A 330 -2.16 6.10 -0.85
C ILE A 330 -1.40 7.04 -1.78
N ASP A 331 -0.49 6.47 -2.59
CA ASP A 331 0.27 7.19 -3.62
C ASP A 331 1.05 8.38 -3.08
N ILE A 332 1.95 8.14 -2.14
CA ILE A 332 2.65 9.24 -1.47
C ILE A 332 3.95 9.70 -2.15
N LEU A 333 4.50 8.88 -3.03
CA LEU A 333 5.77 9.23 -3.70
C LEU A 333 5.57 10.26 -4.83
N THR A 334 6.65 10.92 -5.25
CA THR A 334 6.53 12.09 -6.14
C THR A 334 6.12 11.78 -7.59
N HIS A 335 6.85 10.87 -8.24
CA HIS A 335 6.71 10.56 -9.68
C HIS A 335 7.00 11.79 -10.56
N TYR A 336 8.23 11.89 -11.04
CA TYR A 336 8.64 13.02 -11.89
C TYR A 336 8.25 12.83 -13.37
N ASP A 337 7.47 11.80 -13.65
CA ASP A 337 6.96 11.52 -15.00
C ASP A 337 5.63 12.24 -15.26
N ALA A 338 4.88 12.50 -14.19
CA ALA A 338 3.58 13.18 -14.27
C ALA A 338 3.73 14.68 -14.53
N LYS A 339 4.69 15.32 -13.85
CA LYS A 339 4.98 16.74 -14.02
C LYS A 339 6.44 16.96 -14.42
N VAL A 360 -0.25 24.73 -5.03
CA VAL A 360 0.67 24.04 -5.95
C VAL A 360 1.90 23.46 -5.24
N ASN A 361 2.14 23.88 -3.99
CA ASN A 361 3.29 23.40 -3.19
C ASN A 361 2.88 22.33 -2.15
N PRO A 362 3.84 21.57 -1.60
CA PRO A 362 3.50 20.51 -0.64
C PRO A 362 2.79 21.00 0.63
N GLU A 363 3.25 22.12 1.17
CA GLU A 363 2.68 22.68 2.40
C GLU A 363 1.22 23.13 2.21
N GLN A 364 0.92 23.69 1.04
CA GLN A 364 -0.44 24.09 0.71
C GLN A 364 -1.33 22.88 0.46
N TYR A 365 -0.79 21.90 -0.26
CA TYR A 365 -1.51 20.66 -0.62
C TYR A 365 -2.10 19.96 0.60
N SER A 366 -1.33 19.93 1.68
CA SER A 366 -1.70 19.21 2.90
C SER A 366 -2.94 19.79 3.59
N LYS A 367 -2.89 21.08 3.91
CA LYS A 367 -4.03 21.78 4.54
C LYS A 367 -5.29 21.69 3.67
N ARG A 368 -5.10 21.85 2.36
CA ARG A 368 -6.15 21.73 1.36
C ARG A 368 -6.77 20.32 1.34
N PHE A 369 -5.91 19.31 1.46
CA PHE A 369 -6.32 17.90 1.59
C PHE A 369 -7.04 17.68 2.92
N LEU A 370 -6.51 18.28 3.99
CA LEU A 370 -7.06 18.12 5.34
C LEU A 370 -8.42 18.79 5.54
N ASP A 371 -8.61 19.92 4.85
CA ASP A 371 -9.89 20.63 4.91
C ASP A 371 -10.99 19.82 4.24
N PHE A 372 -10.72 19.36 3.02
CA PHE A 372 -11.69 18.60 2.25
C PHE A 372 -12.20 17.37 3.00
N ILE A 373 -11.29 16.61 3.60
CA ILE A 373 -11.65 15.40 4.34
C ILE A 373 -12.43 15.75 5.60
N GLY A 374 -12.15 16.91 6.17
CA GLY A 374 -12.91 17.44 7.30
C GLY A 374 -14.38 17.68 6.93
N HIS A 375 -14.59 18.28 5.75
CA HIS A 375 -15.93 18.64 5.28
C HIS A 375 -16.79 17.45 4.87
N ILE A 376 -16.18 16.44 4.27
CA ILE A 376 -16.93 15.30 3.72
C ILE A 376 -17.29 14.25 4.77
N LEU A 377 -16.60 14.29 5.91
CA LEU A 377 -16.77 13.29 6.93
C LEU A 377 -17.67 13.82 8.05
#